data_9LRA
#
_entry.id   9LRA
#
_cell.length_a   79.253
_cell.length_b   81.515
_cell.length_c   123.400
_cell.angle_alpha   90.00
_cell.angle_beta   90.00
_cell.angle_gamma   90.00
#
_symmetry.space_group_name_H-M   'P 21 21 21'
#
loop_
_entity.id
_entity.type
_entity.pdbx_description
1 polymer 'Killer cell immunoglobulin-like receptor 2DL2'
2 polymer 'Pan2D FAB FRAGMENT LIGHT CHAIN'
3 polymer 'Pan2D FAB FRAGMENT HEAVY CHAIN'
4 non-polymer 2-acetamido-2-deoxy-beta-D-glucopyranose
5 water water
#
loop_
_entity_poly.entity_id
_entity_poly.type
_entity_poly.pdbx_seq_one_letter_code
_entity_poly.pdbx_strand_id
1 'polypeptide(L)'
;HEGVHRKPSLLAHPGRLVKSEETVILQCWSDVRFEHFLLHREGKFKDTLHLIGEHHDGVSKANFSIGPMMQDLAGTYRCY
GSVTHSPYQLSAPSDPLDIVITGLYEKPSLSAQPGPTVLAGESVTLSCSSRSSYDMYHLSREGEAHECRFSAGPKVNGTF
QADFPLGPATHGGTYRCFGSFRDSPYEWSNSSDPLLVSVIGNPSHHHHHH
;
K
2 'polypeptide(L)'
;QIVLTQSPASMSASLGERVTMTCTASSSVSSSYLYWYQQKPGSSPKLWIYSTSNLASGVPARFSGSGSGTSYSLTISSME
AEDAATYYCHQYHRSPPTFGGGTKLEIKRTVAAPSVFIFPPSDEQLKSGTASVVCLLNNFYPREAKVQWKVDNALQSGNS
QESVTEQDSKDSTYSLSSTLTLSKADYEKHKVYACEVTHQGLSSPVTKSFNRGEC
;
L
3 'polypeptide(L)'
;EVQLQQSGTVLARPGASVKMSCKASGYTFTSYWMHWMKQRPGQGLEWIGTIYPGNSDTNYNQKFKGKAKLTAVTSTNTAY
MELSSLTNEDSAVYYCSRPTTATRSSAMDYWGQGTSVTVSSASTKGPSVFPLAPSSKSTSGGTAALGCLVKDYFPEPVTV
SWNSGALTSGVHTFPAVLQSSGLYSLSSVVTVPSSSLGTQTYICNVNHKPSNTKVDKKVEPKSCDKTH
;
H
#
# COMPACT_ATOMS: atom_id res chain seq x y z
N GLY A 3 22.18 -35.27 -26.17
CA GLY A 3 21.07 -34.43 -25.77
C GLY A 3 21.33 -33.61 -24.52
N VAL A 4 20.70 -33.99 -23.42
CA VAL A 4 20.81 -33.30 -22.14
C VAL A 4 21.33 -34.29 -21.10
N HIS A 5 22.33 -33.86 -20.33
CA HIS A 5 22.97 -34.73 -19.36
C HIS A 5 21.99 -35.11 -18.25
N ARG A 6 22.39 -36.11 -17.46
CA ARG A 6 21.56 -36.61 -16.38
C ARG A 6 21.48 -35.58 -15.25
N LYS A 7 20.56 -35.84 -14.32
CA LYS A 7 20.38 -34.90 -13.21
C LYS A 7 21.44 -35.14 -12.14
N PRO A 8 21.91 -34.08 -11.49
CA PRO A 8 22.79 -34.24 -10.34
C PRO A 8 22.00 -34.61 -9.09
N SER A 9 22.74 -34.90 -8.03
CA SER A 9 22.16 -35.18 -6.72
C SER A 9 22.31 -33.95 -5.83
N LEU A 10 21.26 -33.62 -5.10
CA LEU A 10 21.24 -32.45 -4.23
C LEU A 10 20.91 -32.89 -2.81
N LEU A 11 21.85 -32.71 -1.89
CA LEU A 11 21.66 -33.04 -0.49
C LEU A 11 22.03 -31.84 0.36
N ALA A 12 21.42 -31.78 1.55
CA ALA A 12 21.66 -30.70 2.50
C ALA A 12 22.31 -31.26 3.76
N HIS A 13 23.44 -30.67 4.15
CA HIS A 13 24.14 -31.02 5.36
C HIS A 13 24.26 -29.80 6.25
N PRO A 14 23.93 -29.89 7.55
CA PRO A 14 23.55 -31.12 8.26
C PRO A 14 22.14 -31.62 7.98
N GLY A 15 21.25 -30.75 7.51
CA GLY A 15 19.89 -31.18 7.31
C GLY A 15 19.08 -30.15 6.55
N ARG A 16 17.78 -30.45 6.44
CA ARG A 16 16.86 -29.62 5.67
C ARG A 16 16.39 -28.41 6.46
N LEU A 17 16.31 -28.51 7.79
CA LEU A 17 15.84 -27.43 8.64
C LEU A 17 17.05 -26.63 9.13
N VAL A 18 17.04 -25.33 8.86
CA VAL A 18 18.15 -24.45 9.22
C VAL A 18 17.68 -23.45 10.26
N LYS A 19 18.50 -23.23 11.27
CA LYS A 19 18.22 -22.21 12.26
C LYS A 19 18.57 -20.83 11.72
N SER A 20 17.88 -19.81 12.24
CA SER A 20 18.13 -18.45 11.80
C SER A 20 19.57 -18.05 12.11
N GLU A 21 20.19 -17.37 11.14
CA GLU A 21 21.57 -16.86 11.21
C GLU A 21 22.62 -17.97 11.23
N GLU A 22 22.24 -19.22 10.98
CA GLU A 22 23.19 -20.30 10.81
C GLU A 22 23.32 -20.62 9.32
N THR A 23 24.22 -21.55 9.00
CA THR A 23 24.48 -21.89 7.61
C THR A 23 24.25 -23.38 7.36
N VAL A 24 24.00 -23.70 6.10
CA VAL A 24 23.78 -25.07 5.63
C VAL A 24 24.54 -25.25 4.33
N ILE A 25 25.13 -26.43 4.16
CA ILE A 25 25.93 -26.75 2.98
C ILE A 25 25.09 -27.63 2.06
N LEU A 26 24.63 -27.07 0.95
CA LEU A 26 23.91 -27.82 -0.07
C LEU A 26 24.92 -28.39 -1.06
N GLN A 27 25.19 -29.69 -0.96
CA GLN A 27 26.14 -30.35 -1.83
C GLN A 27 25.45 -30.83 -3.09
N CYS A 28 26.10 -30.63 -4.23
CA CYS A 28 25.58 -31.06 -5.53
C CYS A 28 26.66 -31.87 -6.22
N TRP A 29 26.39 -33.15 -6.49
CA TRP A 29 27.39 -34.06 -7.02
C TRP A 29 26.78 -34.94 -8.09
N SER A 30 27.64 -35.45 -8.96
CA SER A 30 27.21 -36.32 -10.06
C SER A 30 28.42 -37.06 -10.61
N ASP A 31 28.14 -38.17 -11.31
CA ASP A 31 29.18 -38.93 -11.97
C ASP A 31 29.66 -38.26 -13.25
N VAL A 32 28.77 -37.57 -13.95
CA VAL A 32 29.17 -36.83 -15.15
C VAL A 32 30.19 -35.77 -14.76
N ARG A 33 31.17 -35.56 -15.62
CA ARG A 33 32.27 -34.63 -15.32
C ARG A 33 31.81 -33.19 -15.57
N PHE A 34 30.89 -32.76 -14.70
CA PHE A 34 30.40 -31.38 -14.75
C PHE A 34 31.48 -30.43 -14.24
N GLU A 35 31.85 -29.45 -15.07
CA GLU A 35 32.81 -28.44 -14.64
C GLU A 35 32.16 -27.26 -13.95
N HIS A 36 30.84 -27.12 -14.07
CA HIS A 36 30.10 -26.01 -13.49
C HIS A 36 28.83 -26.51 -12.84
N PHE A 37 28.49 -25.93 -11.69
CA PHE A 37 27.27 -26.26 -10.97
C PHE A 37 26.48 -24.99 -10.72
N LEU A 38 25.17 -25.07 -10.91
CA LEU A 38 24.27 -23.94 -10.70
C LEU A 38 23.17 -24.35 -9.75
N LEU A 39 23.00 -23.61 -8.66
CA LEU A 39 21.96 -23.84 -7.68
C LEU A 39 20.91 -22.75 -7.81
N HIS A 40 19.65 -23.14 -7.96
CA HIS A 40 18.54 -22.20 -8.13
C HIS A 40 17.54 -22.37 -7.01
N ARG A 41 17.09 -21.26 -6.43
CA ARG A 41 16.08 -21.26 -5.39
C ARG A 41 14.81 -20.61 -5.90
N GLU A 42 13.68 -21.27 -5.65
CA GLU A 42 12.36 -20.71 -5.93
C GLU A 42 11.68 -20.35 -4.63
N GLY A 43 11.18 -19.12 -4.53
CA GLY A 43 10.51 -18.67 -3.33
C GLY A 43 10.29 -17.17 -3.30
N LYS A 44 10.43 -16.57 -2.12
CA LYS A 44 10.23 -15.13 -1.98
C LYS A 44 11.28 -14.35 -2.75
N PHE A 45 12.54 -14.78 -2.68
CA PHE A 45 13.64 -14.11 -3.37
C PHE A 45 14.37 -15.15 -4.21
N LYS A 46 13.94 -15.32 -5.45
CA LYS A 46 14.56 -16.29 -6.34
C LYS A 46 15.97 -15.87 -6.70
N ASP A 47 16.86 -16.84 -6.83
CA ASP A 47 18.26 -16.56 -7.12
C ASP A 47 18.91 -17.79 -7.73
N THR A 48 20.02 -17.56 -8.43
CA THR A 48 20.83 -18.63 -8.99
C THR A 48 22.28 -18.38 -8.61
N LEU A 49 22.91 -19.36 -7.95
CA LEU A 49 24.30 -19.28 -7.56
C LEU A 49 25.13 -20.21 -8.44
N HIS A 50 26.34 -19.78 -8.78
CA HIS A 50 27.24 -20.56 -9.60
C HIS A 50 28.52 -20.87 -8.83
N LEU A 51 28.99 -22.10 -8.98
CA LEU A 51 30.28 -22.52 -8.47
C LEU A 51 30.92 -23.45 -9.49
N ILE A 52 32.23 -23.57 -9.41
CA ILE A 52 32.96 -24.54 -10.22
C ILE A 52 33.04 -25.84 -9.43
N GLY A 53 33.02 -26.96 -10.13
CA GLY A 53 32.99 -28.27 -9.49
C GLY A 53 34.37 -28.89 -9.42
N GLU A 54 34.73 -29.36 -8.23
CA GLU A 54 35.93 -30.16 -8.07
C GLU A 54 35.68 -31.59 -8.53
N HIS A 55 36.76 -32.28 -8.90
CA HIS A 55 36.68 -33.64 -9.41
C HIS A 55 37.57 -34.53 -8.56
N HIS A 56 36.96 -35.51 -7.89
N HIS A 56 36.96 -35.51 -7.89
CA HIS A 56 37.69 -36.43 -7.03
CA HIS A 56 37.68 -36.43 -7.03
C HIS A 56 37.08 -37.82 -7.14
C HIS A 56 37.07 -37.82 -7.16
N ASP A 57 37.91 -38.81 -7.45
CA ASP A 57 37.50 -40.22 -7.53
C ASP A 57 36.35 -40.42 -8.51
N GLY A 58 36.43 -39.76 -9.67
CA GLY A 58 35.42 -39.90 -10.69
C GLY A 58 34.09 -39.28 -10.33
N VAL A 59 34.06 -38.35 -9.37
CA VAL A 59 32.83 -37.67 -8.96
C VAL A 59 33.08 -36.18 -8.98
N SER A 60 32.24 -35.44 -9.69
CA SER A 60 32.28 -33.98 -9.67
C SER A 60 31.28 -33.48 -8.64
N LYS A 61 31.70 -32.49 -7.85
CA LYS A 61 30.87 -32.01 -6.75
C LYS A 61 31.20 -30.56 -6.44
N ALA A 62 30.25 -29.89 -5.81
CA ALA A 62 30.40 -28.51 -5.36
C ALA A 62 29.55 -28.29 -4.12
N ASN A 63 30.13 -27.66 -3.12
CA ASN A 63 29.43 -27.39 -1.86
C ASN A 63 28.97 -25.93 -1.85
N PHE A 64 27.66 -25.73 -1.82
CA PHE A 64 27.07 -24.40 -1.74
C PHE A 64 26.80 -24.03 -0.29
N SER A 65 27.25 -22.85 0.12
CA SER A 65 27.12 -22.40 1.51
C SER A 65 25.99 -21.38 1.60
N ILE A 66 24.83 -21.84 2.07
CA ILE A 66 23.65 -21.00 2.22
C ILE A 66 23.66 -20.45 3.64
N GLY A 67 23.95 -19.17 3.78
CA GLY A 67 23.94 -18.54 5.09
C GLY A 67 24.68 -17.22 5.15
N PRO A 68 24.54 -16.50 6.28
CA PRO A 68 23.72 -16.87 7.44
C PRO A 68 22.22 -16.85 7.13
N MET A 69 21.50 -17.83 7.66
CA MET A 69 20.14 -18.10 7.20
C MET A 69 19.21 -16.92 7.42
N MET A 70 18.55 -16.49 6.36
CA MET A 70 17.52 -15.46 6.42
C MET A 70 16.25 -16.00 5.78
N GLN A 71 15.17 -15.21 5.86
CA GLN A 71 13.91 -15.61 5.25
C GLN A 71 14.02 -15.67 3.73
N ASP A 72 14.78 -14.75 3.13
CA ASP A 72 14.91 -14.73 1.68
C ASP A 72 15.65 -15.96 1.14
N LEU A 73 16.42 -16.64 1.98
CA LEU A 73 17.15 -17.83 1.54
C LEU A 73 16.32 -19.10 1.65
N ALA A 74 15.12 -19.04 2.22
CA ALA A 74 14.28 -20.23 2.34
C ALA A 74 13.45 -20.42 1.08
N GLY A 75 13.25 -21.66 0.70
CA GLY A 75 12.47 -21.98 -0.48
C GLY A 75 12.89 -23.32 -1.05
N THR A 76 12.48 -23.54 -2.30
CA THR A 76 12.74 -24.80 -2.99
C THR A 76 14.00 -24.65 -3.82
N TYR A 77 14.94 -25.58 -3.64
CA TYR A 77 16.23 -25.54 -4.33
C TYR A 77 16.33 -26.69 -5.32
N ARG A 78 16.94 -26.41 -6.47
CA ARG A 78 17.25 -27.40 -7.48
C ARG A 78 18.64 -27.11 -8.04
N CYS A 79 19.37 -28.16 -8.34
CA CYS A 79 20.74 -28.03 -8.83
C CYS A 79 20.84 -28.46 -10.29
N TYR A 80 21.74 -27.81 -11.02
CA TYR A 80 21.98 -28.08 -12.43
C TYR A 80 23.48 -28.23 -12.64
N GLY A 81 23.85 -29.14 -13.54
CA GLY A 81 25.24 -29.37 -13.90
C GLY A 81 25.48 -28.99 -15.35
N SER A 82 26.72 -28.60 -15.66
CA SER A 82 27.05 -28.21 -17.02
C SER A 82 28.49 -28.59 -17.33
N VAL A 83 28.70 -29.16 -18.52
CA VAL A 83 30.05 -29.49 -18.93
C VAL A 83 30.73 -28.31 -19.59
N THR A 84 29.97 -27.52 -20.34
CA THR A 84 30.49 -26.39 -21.09
C THR A 84 30.04 -25.08 -20.46
N HIS A 85 30.77 -24.02 -20.77
CA HIS A 85 30.41 -22.67 -20.38
C HIS A 85 30.32 -21.78 -21.62
N SER A 86 29.45 -20.78 -21.56
CA SER A 86 29.19 -19.88 -22.68
C SER A 86 28.73 -20.66 -23.91
N TYR A 88 26.77 -22.29 -21.37
CA TYR A 88 26.09 -23.14 -20.42
C TYR A 88 25.06 -24.04 -21.10
N GLN A 89 25.30 -25.36 -21.04
CA GLN A 89 24.33 -26.35 -21.50
C GLN A 89 23.90 -27.12 -20.26
N LEU A 90 22.88 -26.60 -19.58
CA LEU A 90 22.46 -27.13 -18.29
C LEU A 90 21.85 -28.53 -18.44
N SER A 91 22.01 -29.33 -17.40
CA SER A 91 21.52 -30.70 -17.41
C SER A 91 20.07 -30.73 -16.93
N ALA A 92 19.56 -31.93 -16.68
CA ALA A 92 18.24 -32.05 -16.06
C ALA A 92 18.33 -31.63 -14.60
N PRO A 93 17.30 -30.97 -14.07
CA PRO A 93 17.38 -30.48 -12.68
C PRO A 93 17.35 -31.62 -11.68
N SER A 94 17.98 -31.37 -10.54
CA SER A 94 18.01 -32.36 -9.47
C SER A 94 16.65 -32.44 -8.79
N ASP A 95 16.52 -33.43 -7.91
CA ASP A 95 15.33 -33.53 -7.09
C ASP A 95 15.23 -32.32 -6.18
N PRO A 96 14.03 -31.79 -5.94
CA PRO A 96 13.92 -30.55 -5.17
C PRO A 96 14.20 -30.76 -3.70
N LEU A 97 14.77 -29.74 -3.08
CA LEU A 97 14.99 -29.69 -1.64
C LEU A 97 14.34 -28.42 -1.10
N ASP A 98 13.50 -28.58 -0.08
CA ASP A 98 12.79 -27.46 0.55
C ASP A 98 13.56 -27.04 1.78
N ILE A 99 14.35 -25.97 1.65
CA ILE A 99 15.15 -25.45 2.74
C ILE A 99 14.29 -24.53 3.60
N VAL A 100 14.17 -24.85 4.88
CA VAL A 100 13.29 -24.15 5.81
C VAL A 100 14.14 -23.45 6.85
N ILE A 101 13.81 -22.17 7.12
CA ILE A 101 14.40 -21.43 8.22
C ILE A 101 13.51 -21.58 9.44
N THR A 102 14.11 -21.89 10.58
CA THR A 102 13.38 -22.10 11.83
C THR A 102 13.83 -21.10 12.88
N GLY A 103 12.98 -20.92 13.89
CA GLY A 103 13.32 -20.06 15.01
C GLY A 103 12.89 -18.62 14.87
N LEU A 104 11.85 -18.34 14.08
CA LEU A 104 11.41 -16.97 13.84
C LEU A 104 10.19 -16.57 14.66
N TYR A 105 9.58 -17.51 15.37
CA TYR A 105 8.40 -17.22 16.17
C TYR A 105 8.48 -18.01 17.48
N GLU A 106 7.60 -17.68 18.41
CA GLU A 106 7.59 -18.33 19.71
C GLU A 106 7.36 -19.83 19.55
N LYS A 107 8.04 -20.61 20.38
CA LYS A 107 7.95 -22.05 20.30
C LYS A 107 6.58 -22.52 20.79
N PRO A 108 6.05 -23.59 20.20
CA PRO A 108 4.79 -24.17 20.68
C PRO A 108 5.04 -25.08 21.87
N SER A 109 3.95 -25.61 22.43
CA SER A 109 4.02 -26.62 23.46
C SER A 109 3.66 -27.98 22.88
N LEU A 110 4.42 -29.00 23.24
CA LEU A 110 4.20 -30.37 22.78
C LEU A 110 3.88 -31.25 23.98
N SER A 111 2.68 -31.82 23.99
CA SER A 111 2.23 -32.65 25.09
C SER A 111 1.75 -34.00 24.55
N ALA A 112 1.74 -34.99 25.43
CA ALA A 112 1.32 -36.34 25.11
C ALA A 112 0.05 -36.69 25.86
N GLN A 113 -0.91 -37.27 25.16
CA GLN A 113 -2.16 -37.72 25.77
C GLN A 113 -2.33 -39.22 25.57
N PRO A 114 -2.64 -39.98 26.64
CA PRO A 114 -2.88 -39.47 27.99
C PRO A 114 -1.61 -39.09 28.75
N GLY A 115 -0.46 -39.60 28.33
CA GLY A 115 0.78 -39.31 29.01
C GLY A 115 2.01 -39.64 28.17
N PRO A 116 3.17 -39.19 28.64
CA PRO A 116 4.41 -39.49 27.90
C PRO A 116 4.75 -40.97 27.88
N THR A 117 4.40 -41.70 28.93
CA THR A 117 4.67 -43.13 29.01
C THR A 117 3.35 -43.88 29.14
N VAL A 118 3.14 -44.86 28.26
CA VAL A 118 1.94 -45.68 28.27
C VAL A 118 2.36 -47.14 28.12
N LEU A 119 1.43 -48.03 28.43
CA LEU A 119 1.64 -49.44 28.17
C LEU A 119 1.41 -49.73 26.68
N ALA A 120 2.05 -50.78 26.20
CA ALA A 120 1.93 -51.16 24.79
C ALA A 120 0.48 -51.49 24.46
N GLY A 121 0.04 -51.07 23.27
CA GLY A 121 -1.34 -51.19 22.86
C GLY A 121 -2.20 -49.98 23.19
N GLU A 122 -1.87 -49.27 24.25
CA GLU A 122 -2.56 -48.03 24.57
C GLU A 122 -2.20 -46.94 23.57
N SER A 123 -3.16 -46.06 23.28
CA SER A 123 -2.98 -45.03 22.28
C SER A 123 -2.28 -43.82 22.84
N VAL A 124 -1.49 -43.16 22.00
CA VAL A 124 -0.79 -41.93 22.33
C VAL A 124 -1.11 -40.90 21.26
N THR A 125 -1.48 -39.70 21.68
CA THR A 125 -1.76 -38.59 20.77
C THR A 125 -0.96 -37.39 21.23
N LEU A 126 -0.15 -36.83 20.33
CA LEU A 126 0.68 -35.69 20.65
C LEU A 126 -0.04 -34.42 20.25
N SER A 127 -0.28 -33.53 21.22
CA SER A 127 -0.99 -32.28 21.00
C SER A 127 0.01 -31.13 20.99
N CYS A 128 0.04 -30.40 19.88
CA CYS A 128 0.93 -29.25 19.73
C CYS A 128 0.09 -27.98 19.77
N SER A 129 0.36 -27.11 20.74
CA SER A 129 -0.48 -25.96 21.00
C SER A 129 0.37 -24.71 21.18
N SER A 130 -0.28 -23.55 21.07
CA SER A 130 0.37 -22.25 21.19
C SER A 130 -0.70 -21.16 21.25
N ARG A 131 -0.41 -20.11 22.03
CA ARG A 131 -1.28 -18.95 22.08
CA ARG A 131 -1.30 -18.96 22.08
C ARG A 131 -1.26 -18.14 20.80
N SER A 132 -0.26 -18.36 19.94
CA SER A 132 -0.18 -17.68 18.67
C SER A 132 -1.05 -18.39 17.63
N SER A 133 -1.57 -17.62 16.68
CA SER A 133 -2.48 -18.16 15.67
C SER A 133 -1.71 -18.77 14.50
N TYR A 134 -0.94 -19.82 14.81
CA TYR A 134 -0.27 -20.58 13.76
C TYR A 134 -1.29 -21.29 12.89
N ASP A 135 -1.01 -21.36 11.60
CA ASP A 135 -1.94 -21.99 10.67
C ASP A 135 -1.75 -23.49 10.53
N MET A 136 -0.59 -24.01 10.91
CA MET A 136 -0.31 -25.44 10.81
C MET A 136 0.85 -25.77 11.74
N TYR A 137 0.97 -27.06 12.07
CA TYR A 137 2.03 -27.55 12.93
C TYR A 137 2.75 -28.70 12.26
N HIS A 138 4.05 -28.78 12.49
CA HIS A 138 4.89 -29.83 11.93
C HIS A 138 5.48 -30.67 13.06
N LEU A 139 5.29 -31.98 12.98
CA LEU A 139 5.82 -32.91 13.97
C LEU A 139 6.97 -33.70 13.37
N SER A 140 8.09 -33.75 14.10
CA SER A 140 9.27 -34.46 13.64
C SER A 140 9.75 -35.43 14.71
N ARG A 141 10.07 -36.64 14.30
CA ARG A 141 10.71 -37.62 15.16
C ARG A 141 12.11 -37.90 14.62
N GLU A 142 13.11 -37.77 15.47
CA GLU A 142 14.49 -37.90 15.04
C GLU A 142 14.84 -39.33 14.68
N HIS A 146 8.38 -36.39 9.39
CA HIS A 146 7.88 -35.03 9.21
C HIS A 146 6.44 -35.01 8.71
N GLU A 147 5.51 -34.68 9.61
CA GLU A 147 4.09 -34.63 9.31
C GLU A 147 3.57 -33.23 9.56
N CYS A 148 2.74 -32.74 8.64
CA CYS A 148 2.11 -31.43 8.76
C CYS A 148 0.61 -31.62 8.93
N ARG A 149 0.05 -30.97 9.95
CA ARG A 149 -1.39 -30.97 10.19
C ARG A 149 -1.83 -29.54 10.47
N PHE A 150 -2.92 -29.13 9.83
CA PHE A 150 -3.45 -27.79 10.04
C PHE A 150 -3.96 -27.62 11.47
N SER A 151 -3.92 -26.40 11.96
CA SER A 151 -4.36 -26.08 13.31
C SER A 151 -5.87 -25.82 13.32
N ALA A 152 -6.44 -25.76 14.51
CA ALA A 152 -7.85 -25.46 14.70
C ALA A 152 -7.99 -24.08 15.34
N GLY A 153 -9.18 -23.49 15.19
CA GLY A 153 -9.47 -22.15 15.65
C GLY A 153 -9.33 -21.97 17.15
N PRO A 154 -9.73 -20.79 17.65
CA PRO A 154 -9.52 -20.46 19.07
C PRO A 154 -10.06 -21.53 20.03
N LYS A 155 -9.18 -22.11 20.83
CA LYS A 155 -9.56 -23.13 21.80
C LYS A 155 -9.35 -22.63 23.23
N VAL A 156 -9.05 -23.57 24.14
CA VAL A 156 -8.80 -23.22 25.53
C VAL A 156 -7.65 -22.22 25.59
N ASN A 157 -7.83 -21.17 26.38
CA ASN A 157 -6.85 -20.09 26.52
C ASN A 157 -6.57 -19.39 25.20
N GLY A 158 -7.48 -19.50 24.24
CA GLY A 158 -7.25 -18.93 22.92
C GLY A 158 -6.17 -19.62 22.11
N THR A 159 -5.88 -20.88 22.42
CA THR A 159 -4.80 -21.59 21.76
C THR A 159 -5.22 -22.09 20.38
N PHE A 160 -4.24 -22.17 19.49
CA PHE A 160 -4.38 -22.87 18.22
C PHE A 160 -3.60 -24.18 18.31
N GLN A 161 -4.23 -25.27 17.90
CA GLN A 161 -3.80 -26.60 18.31
C GLN A 161 -3.94 -27.57 17.16
N ALA A 162 -3.09 -28.61 17.19
CA ALA A 162 -3.15 -29.70 16.22
C ALA A 162 -2.76 -30.99 16.93
N ASP A 163 -3.52 -32.05 16.66
CA ASP A 163 -3.31 -33.34 17.29
C ASP A 163 -2.70 -34.32 16.29
N PHE A 164 -1.61 -34.96 16.68
CA PHE A 164 -0.94 -35.97 15.86
C PHE A 164 -1.09 -37.33 16.54
N PRO A 165 -2.03 -38.17 16.11
CA PRO A 165 -2.15 -39.50 16.72
C PRO A 165 -1.00 -40.40 16.30
N LEU A 166 -0.35 -41.01 17.29
CA LEU A 166 0.79 -41.88 17.01
C LEU A 166 0.38 -43.31 16.67
N GLY A 167 -0.68 -43.81 17.27
CA GLY A 167 -1.21 -45.11 16.90
C GLY A 167 -0.90 -46.17 17.92
N PRO A 168 -1.24 -47.43 17.60
CA PRO A 168 -1.02 -48.51 18.58
C PRO A 168 0.43 -48.95 18.71
N ALA A 169 1.17 -49.06 17.61
CA ALA A 169 2.52 -49.61 17.68
C ALA A 169 3.58 -48.57 17.30
N THR A 170 3.55 -47.42 17.94
CA THR A 170 4.46 -46.33 17.55
C THR A 170 5.91 -46.64 17.93
N HIS A 171 6.12 -47.38 19.03
CA HIS A 171 7.41 -47.65 19.67
C HIS A 171 8.06 -46.40 20.25
N GLY A 172 7.45 -45.23 20.10
CA GLY A 172 7.93 -44.03 20.76
C GLY A 172 9.11 -43.38 20.08
N GLY A 173 9.80 -42.53 20.83
CA GLY A 173 10.91 -41.74 20.36
C GLY A 173 10.86 -40.36 20.94
N THR A 174 11.75 -39.49 20.48
CA THR A 174 11.82 -38.10 20.91
C THR A 174 11.22 -37.22 19.81
N TYR A 175 10.20 -36.45 20.17
CA TYR A 175 9.45 -35.65 19.21
C TYR A 175 9.68 -34.16 19.45
N ARG A 176 9.63 -33.40 18.36
CA ARG A 176 9.67 -31.94 18.38
C ARG A 176 8.57 -31.41 17.49
N CYS A 177 8.08 -30.22 17.80
CA CYS A 177 6.99 -29.62 17.04
C CYS A 177 7.35 -28.20 16.63
N PHE A 178 6.97 -27.83 15.41
CA PHE A 178 7.16 -26.48 14.87
C PHE A 178 5.82 -25.92 14.42
N GLY A 179 5.67 -24.61 14.54
CA GLY A 179 4.50 -23.92 14.03
C GLY A 179 4.83 -23.12 12.78
N SER A 180 3.83 -22.84 11.96
CA SER A 180 4.08 -22.14 10.70
C SER A 180 2.78 -21.51 10.20
N PHE A 181 2.95 -20.48 9.38
CA PHE A 181 1.84 -19.77 8.75
C PHE A 181 1.78 -20.13 7.27
N ARG A 182 0.56 -20.16 6.72
CA ARG A 182 0.37 -20.65 5.36
C ARG A 182 0.79 -19.66 4.29
N ASP A 183 0.99 -18.38 4.63
CA ASP A 183 1.48 -17.43 3.65
C ASP A 183 2.98 -17.50 3.46
N SER A 184 3.70 -18.13 4.39
CA SER A 184 5.15 -18.31 4.31
C SER A 184 5.45 -19.76 4.63
N PRO A 185 5.43 -20.63 3.62
CA PRO A 185 5.58 -22.07 3.90
C PRO A 185 6.94 -22.47 4.45
N TYR A 186 8.01 -21.78 4.08
CA TYR A 186 9.36 -22.18 4.45
C TYR A 186 9.89 -21.44 5.67
N GLU A 187 9.01 -20.84 6.48
CA GLU A 187 9.42 -20.07 7.64
C GLU A 187 8.72 -20.64 8.87
N TRP A 188 9.49 -21.29 9.74
CA TRP A 188 8.96 -21.99 10.90
C TRP A 188 9.36 -21.28 12.19
N SER A 189 8.73 -21.71 13.29
CA SER A 189 8.94 -21.08 14.58
C SER A 189 10.14 -21.72 15.29
N ASN A 190 10.41 -21.24 16.50
CA ASN A 190 11.31 -21.95 17.40
C ASN A 190 10.76 -23.35 17.67
N SER A 191 11.67 -24.31 17.80
CA SER A 191 11.25 -25.68 18.10
C SER A 191 10.65 -25.76 19.49
N SER A 192 9.61 -26.56 19.63
CA SER A 192 9.10 -26.88 20.96
C SER A 192 10.15 -27.68 21.73
N ASP A 193 10.00 -27.71 23.05
CA ASP A 193 10.87 -28.54 23.86
C ASP A 193 10.73 -29.99 23.44
N PRO A 194 11.81 -30.76 23.41
CA PRO A 194 11.70 -32.16 23.02
C PRO A 194 10.81 -32.93 23.99
N LEU A 195 10.11 -33.93 23.46
CA LEU A 195 9.21 -34.75 24.24
C LEU A 195 9.58 -36.21 24.05
N LEU A 196 10.01 -36.87 25.13
CA LEU A 196 10.31 -38.29 25.08
C LEU A 196 9.02 -39.08 25.24
N VAL A 197 8.69 -39.88 24.24
CA VAL A 197 7.53 -40.76 24.27
C VAL A 197 8.06 -42.17 24.46
N SER A 198 7.75 -42.78 25.60
CA SER A 198 8.22 -44.11 25.94
C SER A 198 7.05 -45.08 25.97
N VAL A 199 7.28 -46.29 25.44
CA VAL A 199 6.28 -47.35 25.42
C VAL A 199 6.89 -48.57 26.07
N ILE A 200 6.40 -48.92 27.26
CA ILE A 200 6.85 -50.11 27.96
C ILE A 200 5.81 -51.20 27.79
N GLY A 201 6.24 -52.45 27.95
CA GLY A 201 5.33 -53.57 27.79
C GLY A 201 4.34 -53.68 28.92
N ASN A 202 3.24 -54.39 28.64
CA ASN A 202 2.24 -54.64 29.66
C ASN A 202 2.72 -55.76 30.58
N PRO A 203 2.60 -55.60 31.91
CA PRO A 203 3.04 -56.61 32.87
C PRO A 203 2.35 -57.96 32.70
N GLN B 1 6.34 -11.52 -3.71
CA GLN B 1 6.58 -10.85 -4.99
C GLN B 1 5.56 -11.27 -6.05
N ILE B 2 4.31 -11.42 -5.63
CA ILE B 2 3.20 -11.68 -6.55
C ILE B 2 2.65 -10.31 -6.96
N VAL B 3 2.96 -9.90 -8.19
CA VAL B 3 2.61 -8.57 -8.67
C VAL B 3 1.18 -8.59 -9.20
N LEU B 4 0.36 -7.67 -8.70
CA LEU B 4 -1.04 -7.55 -9.08
C LEU B 4 -1.20 -6.31 -9.96
N THR B 5 -1.60 -6.52 -11.21
CA THR B 5 -1.83 -5.44 -12.18
C THR B 5 -3.32 -5.32 -12.44
N GLN B 6 -3.86 -4.12 -12.25
CA GLN B 6 -5.28 -3.87 -12.43
C GLN B 6 -5.52 -3.11 -13.72
N SER B 7 -6.49 -3.58 -14.51
CA SER B 7 -6.86 -2.96 -15.77
C SER B 7 -8.36 -2.75 -15.80
N PRO B 8 -8.83 -1.57 -16.23
CA PRO B 8 -7.97 -0.44 -16.62
C PRO B 8 -7.57 0.40 -15.41
N ALA B 9 -6.54 1.21 -15.55
CA ALA B 9 -6.15 2.10 -14.46
C ALA B 9 -7.26 3.10 -14.15
N SER B 10 -7.99 3.55 -15.17
CA SER B 10 -9.09 4.47 -14.98
C SER B 10 -10.19 4.17 -15.99
N MET B 11 -11.43 4.37 -15.57
CA MET B 11 -12.59 4.18 -16.44
C MET B 11 -13.73 5.04 -15.96
N SER B 12 -14.70 5.24 -16.84
CA SER B 12 -15.89 6.03 -16.52
C SER B 12 -17.12 5.34 -17.06
N ALA B 13 -18.20 5.35 -16.28
CA ALA B 13 -19.45 4.72 -16.67
C ALA B 13 -20.61 5.65 -16.36
N SER B 14 -21.68 5.50 -17.14
CA SER B 14 -22.90 6.25 -16.89
C SER B 14 -23.72 5.56 -15.81
N LEU B 15 -24.68 6.30 -15.25
CA LEU B 15 -25.55 5.74 -14.24
C LEU B 15 -26.43 4.64 -14.84
N GLY B 16 -26.44 3.48 -14.19
CA GLY B 16 -27.14 2.32 -14.67
C GLY B 16 -26.31 1.41 -15.56
N GLU B 17 -25.08 1.78 -15.88
CA GLU B 17 -24.22 0.99 -16.73
C GLU B 17 -23.65 -0.21 -15.98
N ARG B 18 -23.23 -1.22 -16.75
CA ARG B 18 -22.52 -2.37 -16.21
C ARG B 18 -21.03 -2.08 -16.23
N VAL B 19 -20.37 -2.31 -15.10
CA VAL B 19 -18.95 -2.02 -14.92
C VAL B 19 -18.22 -3.33 -14.66
N THR B 20 -17.03 -3.47 -15.23
CA THR B 20 -16.19 -4.62 -14.94
C THR B 20 -14.73 -4.18 -14.95
N MET B 21 -13.94 -4.77 -14.05
CA MET B 21 -12.54 -4.45 -13.88
C MET B 21 -11.79 -5.71 -13.53
N THR B 22 -10.53 -5.78 -13.96
CA THR B 22 -9.74 -7.01 -13.87
C THR B 22 -8.52 -6.81 -12.99
N CYS B 23 -8.11 -7.91 -12.34
CA CYS B 23 -6.91 -7.96 -11.53
C CYS B 23 -6.10 -9.17 -11.98
N THR B 24 -4.90 -8.93 -12.50
CA THR B 24 -4.04 -9.99 -13.04
C THR B 24 -2.81 -10.14 -12.15
N ALA B 25 -2.53 -11.39 -11.75
CA ALA B 25 -1.41 -11.70 -10.89
C ALA B 25 -0.29 -12.36 -11.68
N SER B 26 0.96 -12.00 -11.35
CA SER B 26 2.10 -12.59 -12.03
C SER B 26 2.27 -14.07 -11.69
N SER B 27 1.79 -14.50 -10.52
CA SER B 27 1.82 -15.89 -10.11
C SER B 27 0.42 -16.32 -9.69
N SER B 28 0.21 -17.63 -9.60
CA SER B 28 -1.08 -18.15 -9.21
C SER B 28 -1.41 -17.78 -7.77
N VAL B 29 -2.66 -17.39 -7.53
CA VAL B 29 -3.14 -16.98 -6.22
C VAL B 29 -4.32 -17.86 -5.84
N SER B 30 -4.29 -18.40 -4.62
CA SER B 30 -5.42 -19.16 -4.12
C SER B 30 -6.64 -18.26 -3.97
N SER B 31 -7.79 -18.74 -4.45
CA SER B 31 -8.99 -17.91 -4.50
C SER B 31 -9.49 -17.50 -3.12
N SER B 32 -9.12 -18.23 -2.06
CA SER B 32 -9.57 -17.85 -0.73
C SER B 32 -8.85 -16.63 -0.18
N TYR B 33 -7.74 -16.24 -0.81
CA TYR B 33 -6.88 -15.18 -0.28
C TYR B 33 -6.65 -14.08 -1.31
N LEU B 34 -7.68 -13.78 -2.10
CA LEU B 34 -7.70 -12.61 -2.95
C LEU B 34 -8.88 -11.75 -2.53
N TYR B 35 -8.62 -10.46 -2.26
CA TYR B 35 -9.61 -9.57 -1.68
C TYR B 35 -9.69 -8.29 -2.50
N TRP B 36 -10.87 -7.69 -2.48
CA TRP B 36 -11.13 -6.41 -3.14
C TRP B 36 -11.49 -5.38 -2.08
N TYR B 37 -10.95 -4.17 -2.23
CA TYR B 37 -11.23 -3.06 -1.34
C TYR B 37 -11.70 -1.85 -2.14
N GLN B 38 -12.60 -1.08 -1.55
CA GLN B 38 -13.08 0.17 -2.14
C GLN B 38 -12.59 1.33 -1.29
N GLN B 39 -11.98 2.32 -1.92
CA GLN B 39 -11.48 3.50 -1.22
C GLN B 39 -11.93 4.76 -1.93
N LYS B 40 -12.51 5.65 -1.19
CA LYS B 40 -12.85 7.00 -1.59
C LYS B 40 -11.87 7.99 -0.98
N PRO B 41 -11.55 9.07 -1.70
CA PRO B 41 -10.48 9.97 -1.24
C PRO B 41 -10.75 10.52 0.16
N GLY B 42 -9.73 10.44 1.01
CA GLY B 42 -9.78 10.97 2.35
C GLY B 42 -10.08 9.95 3.43
N SER B 43 -10.66 8.81 3.07
CA SER B 43 -11.04 7.78 4.03
C SER B 43 -10.21 6.52 3.81
N SER B 44 -10.20 5.67 4.83
CA SER B 44 -9.45 4.43 4.76
C SER B 44 -10.11 3.45 3.81
N PRO B 45 -9.34 2.51 3.26
CA PRO B 45 -9.93 1.46 2.43
C PRO B 45 -10.92 0.62 3.23
N LYS B 46 -11.94 0.12 2.53
CA LYS B 46 -12.98 -0.70 3.13
C LYS B 46 -13.00 -2.05 2.43
N LEU B 47 -13.07 -3.12 3.22
CA LEU B 47 -13.22 -4.46 2.65
C LEU B 47 -14.51 -4.56 1.86
N TRP B 48 -14.40 -4.92 0.58
CA TRP B 48 -15.54 -5.00 -0.31
C TRP B 48 -15.89 -6.42 -0.69
N ILE B 49 -14.90 -7.20 -1.13
CA ILE B 49 -15.09 -8.60 -1.48
C ILE B 49 -13.94 -9.40 -0.90
N TYR B 50 -14.26 -10.48 -0.19
CA TYR B 50 -13.25 -11.34 0.41
C TYR B 50 -13.36 -12.73 -0.19
N SER B 51 -12.20 -13.36 -0.42
CA SER B 51 -12.12 -14.69 -1.02
C SER B 51 -12.81 -14.73 -2.38
N THR B 52 -12.33 -13.85 -3.27
CA THR B 52 -12.71 -13.81 -4.68
C THR B 52 -14.14 -13.37 -4.91
N SER B 53 -15.11 -14.03 -4.28
CA SER B 53 -16.51 -13.83 -4.64
C SER B 53 -17.40 -13.31 -3.51
N ASN B 54 -17.07 -13.58 -2.25
CA ASN B 54 -17.97 -13.28 -1.15
C ASN B 54 -17.99 -11.79 -0.86
N LEU B 55 -19.18 -11.20 -0.84
CA LEU B 55 -19.34 -9.79 -0.54
C LEU B 55 -19.23 -9.55 0.96
N ALA B 56 -18.56 -8.47 1.33
CA ALA B 56 -18.47 -8.09 2.73
C ALA B 56 -19.80 -7.50 3.20
N SER B 57 -19.93 -7.37 4.52
CA SER B 57 -21.17 -6.83 5.08
C SER B 57 -21.33 -5.37 4.68
N GLY B 58 -22.53 -5.03 4.24
CA GLY B 58 -22.82 -3.67 3.79
C GLY B 58 -22.46 -3.37 2.36
N VAL B 59 -22.22 -4.39 1.54
CA VAL B 59 -21.87 -4.22 0.13
C VAL B 59 -23.08 -4.62 -0.71
N PRO B 60 -23.57 -3.76 -1.59
CA PRO B 60 -24.79 -4.08 -2.34
C PRO B 60 -24.61 -5.28 -3.26
N ALA B 61 -25.73 -5.93 -3.56
CA ALA B 61 -25.75 -7.13 -4.40
C ALA B 61 -25.42 -6.85 -5.85
N ARG B 62 -25.46 -5.59 -6.28
CA ARG B 62 -25.04 -5.26 -7.63
C ARG B 62 -23.55 -5.54 -7.84
N PHE B 63 -22.77 -5.60 -6.77
CA PHE B 63 -21.38 -5.98 -6.87
C PHE B 63 -21.26 -7.51 -6.90
N SER B 64 -20.23 -7.98 -7.58
CA SER B 64 -19.92 -9.41 -7.60
C SER B 64 -18.44 -9.59 -7.89
N GLY B 65 -17.93 -10.76 -7.50
CA GLY B 65 -16.53 -11.08 -7.72
C GLY B 65 -16.39 -12.46 -8.32
N SER B 66 -15.35 -12.63 -9.14
CA SER B 66 -15.10 -13.90 -9.80
C SER B 66 -13.63 -13.97 -10.17
N GLY B 67 -13.18 -15.19 -10.48
CA GLY B 67 -11.83 -15.41 -10.93
C GLY B 67 -11.15 -16.60 -10.29
N SER B 68 -10.01 -17.00 -10.85
CA SER B 68 -9.20 -18.09 -10.32
C SER B 68 -7.82 -18.01 -10.94
N GLY B 69 -6.88 -18.71 -10.32
CA GLY B 69 -5.52 -18.79 -10.82
C GLY B 69 -4.82 -17.45 -10.90
N THR B 70 -4.86 -16.82 -12.07
CA THR B 70 -4.14 -15.57 -12.30
C THR B 70 -5.04 -14.40 -12.65
N SER B 71 -6.31 -14.64 -13.02
CA SER B 71 -7.22 -13.58 -13.44
C SER B 71 -8.41 -13.52 -12.48
N TYR B 72 -8.71 -12.31 -11.99
CA TYR B 72 -9.87 -12.08 -11.14
C TYR B 72 -10.56 -10.80 -11.60
N SER B 73 -11.85 -10.68 -11.27
CA SER B 73 -12.65 -9.56 -11.76
C SER B 73 -13.63 -9.09 -10.70
N LEU B 74 -13.98 -7.81 -10.79
CA LEU B 74 -15.04 -7.19 -10.00
C LEU B 74 -16.03 -6.57 -10.97
N THR B 75 -17.32 -6.76 -10.70
CA THR B 75 -18.37 -6.35 -11.63
C THR B 75 -19.52 -5.67 -10.89
N ILE B 76 -19.99 -4.56 -11.46
CA ILE B 76 -21.19 -3.87 -11.00
C ILE B 76 -22.25 -4.02 -12.08
N SER B 77 -23.42 -4.55 -11.70
CA SER B 77 -24.48 -4.77 -12.68
C SER B 77 -25.03 -3.44 -13.21
N SER B 78 -25.41 -2.55 -12.31
CA SER B 78 -25.87 -1.21 -12.68
C SER B 78 -25.11 -0.19 -11.86
N MET B 79 -24.44 0.73 -12.54
CA MET B 79 -23.65 1.75 -11.87
C MET B 79 -24.53 2.68 -11.04
N GLU B 80 -24.07 2.99 -9.83
CA GLU B 80 -24.69 4.00 -8.97
C GLU B 80 -23.68 5.08 -8.65
N ALA B 81 -24.17 6.27 -8.30
CA ALA B 81 -23.28 7.39 -8.05
C ALA B 81 -22.34 7.08 -6.89
N GLU B 82 -22.81 6.34 -5.89
CA GLU B 82 -21.98 5.97 -4.74
C GLU B 82 -20.86 5.01 -5.13
N ASP B 83 -20.99 4.32 -6.26
CA ASP B 83 -19.97 3.35 -6.67
C ASP B 83 -18.69 4.01 -7.17
N ALA B 84 -18.72 5.31 -7.46
CA ALA B 84 -17.56 6.00 -7.99
C ALA B 84 -16.46 6.05 -6.92
N ALA B 85 -15.40 5.28 -7.12
CA ALA B 85 -14.28 5.21 -6.19
C ALA B 85 -13.14 4.48 -6.86
N THR B 86 -12.06 4.29 -6.11
CA THR B 86 -10.91 3.50 -6.56
C THR B 86 -10.96 2.13 -5.90
N TYR B 87 -10.85 1.08 -6.70
CA TYR B 87 -10.92 -0.29 -6.23
C TYR B 87 -9.57 -0.97 -6.35
N TYR B 88 -9.13 -1.61 -5.27
CA TYR B 88 -7.85 -2.31 -5.23
C TYR B 88 -8.10 -3.80 -5.04
N CYS B 89 -7.29 -4.62 -5.68
CA CYS B 89 -7.23 -6.05 -5.38
C CYS B 89 -6.01 -6.33 -4.51
N HIS B 90 -6.10 -7.41 -3.75
CA HIS B 90 -5.09 -7.72 -2.75
C HIS B 90 -5.00 -9.22 -2.56
N GLN B 91 -3.79 -9.76 -2.70
CA GLN B 91 -3.54 -11.16 -2.46
C GLN B 91 -2.79 -11.34 -1.14
N TYR B 92 -3.19 -12.35 -0.37
CA TYR B 92 -2.42 -12.83 0.77
C TYR B 92 -2.15 -14.31 0.62
N HIS B 93 -2.05 -14.78 -0.62
CA HIS B 93 -1.66 -16.16 -0.87
C HIS B 93 -0.23 -16.42 -0.40
N ARG B 94 0.68 -15.51 -0.70
CA ARG B 94 2.08 -15.61 -0.30
C ARG B 94 2.56 -14.27 0.21
N SER B 95 3.33 -14.30 1.29
CA SER B 95 3.93 -13.08 1.82
C SER B 95 5.17 -12.71 1.01
N PRO B 96 5.41 -11.41 0.76
CA PRO B 96 4.64 -10.26 1.24
C PRO B 96 3.31 -10.09 0.51
N PRO B 97 2.24 -9.86 1.27
CA PRO B 97 0.96 -9.52 0.66
C PRO B 97 1.09 -8.25 -0.17
N THR B 98 0.40 -8.23 -1.32
CA THR B 98 0.57 -7.18 -2.30
C THR B 98 -0.78 -6.65 -2.74
N PHE B 99 -0.81 -5.37 -3.10
CA PHE B 99 -1.99 -4.70 -3.59
C PHE B 99 -1.76 -4.27 -5.03
N GLY B 100 -2.85 -4.14 -5.78
CA GLY B 100 -2.77 -3.70 -7.16
C GLY B 100 -2.68 -2.19 -7.28
N GLY B 101 -2.37 -1.73 -8.49
CA GLY B 101 -2.31 -0.31 -8.77
C GLY B 101 -3.64 0.40 -8.64
N GLY B 102 -4.74 -0.33 -8.61
CA GLY B 102 -6.05 0.28 -8.44
C GLY B 102 -6.67 0.68 -9.76
N THR B 103 -8.00 0.68 -9.76
CA THR B 103 -8.79 1.15 -10.90
C THR B 103 -9.77 2.19 -10.41
N LYS B 104 -9.70 3.39 -10.99
CA LYS B 104 -10.52 4.51 -10.57
C LYS B 104 -11.81 4.53 -11.39
N LEU B 105 -12.95 4.37 -10.71
CA LEU B 105 -14.25 4.37 -11.36
C LEU B 105 -14.89 5.74 -11.19
N GLU B 106 -15.21 6.39 -12.30
CA GLU B 106 -15.83 7.71 -12.30
C GLU B 106 -17.18 7.65 -13.01
N ILE B 107 -17.92 8.75 -12.89
CA ILE B 107 -19.26 8.86 -13.46
C ILE B 107 -19.16 9.57 -14.81
N LYS B 108 -19.64 8.92 -15.87
CA LYS B 108 -19.64 9.52 -17.20
C LYS B 108 -20.91 10.32 -17.41
N ARG B 109 -20.75 11.49 -18.04
CA ARG B 109 -21.85 12.39 -18.30
C ARG B 109 -21.71 12.95 -19.72
N THR B 110 -22.61 13.86 -20.08
CA THR B 110 -22.52 14.54 -21.35
C THR B 110 -21.36 15.54 -21.34
N VAL B 111 -20.85 15.84 -22.54
CA VAL B 111 -19.75 16.80 -22.66
C VAL B 111 -20.21 18.16 -22.16
N ALA B 112 -19.33 18.83 -21.43
CA ALA B 112 -19.58 20.18 -20.92
C ALA B 112 -18.41 21.08 -21.28
N ALA B 113 -18.72 22.33 -21.64
CA ALA B 113 -17.70 23.26 -22.08
C ALA B 113 -17.09 24.00 -20.89
N PRO B 114 -15.78 24.23 -20.90
CA PRO B 114 -15.13 24.91 -19.78
C PRO B 114 -15.32 26.42 -19.87
N SER B 115 -15.82 27.02 -18.79
CA SER B 115 -15.92 28.47 -18.68
C SER B 115 -14.56 29.01 -18.26
N VAL B 116 -13.90 29.73 -19.17
CA VAL B 116 -12.54 30.19 -18.95
C VAL B 116 -12.56 31.59 -18.36
N PHE B 117 -11.76 31.79 -17.32
CA PHE B 117 -11.55 33.10 -16.71
C PHE B 117 -10.07 33.27 -16.45
N ILE B 118 -9.63 34.52 -16.38
CA ILE B 118 -8.23 34.84 -16.11
C ILE B 118 -8.17 35.92 -15.03
N PHE B 119 -7.27 35.73 -14.06
CA PHE B 119 -7.14 36.62 -12.93
C PHE B 119 -5.73 37.19 -12.90
N PRO B 120 -5.57 38.51 -12.79
CA PRO B 120 -4.24 39.10 -12.80
C PRO B 120 -3.64 39.11 -11.41
N PRO B 121 -2.32 39.31 -11.29
CA PRO B 121 -1.70 39.37 -9.97
C PRO B 121 -2.22 40.55 -9.16
N SER B 122 -2.44 40.31 -7.87
CA SER B 122 -2.89 41.36 -6.96
C SER B 122 -1.81 42.42 -6.80
N ASP B 123 -2.25 43.63 -6.43
CA ASP B 123 -1.30 44.70 -6.15
C ASP B 123 -0.42 44.35 -4.95
N GLU B 124 -1.02 43.73 -3.92
CA GLU B 124 -0.26 43.39 -2.72
C GLU B 124 0.81 42.36 -3.02
N GLN B 125 0.51 41.40 -3.90
CA GLN B 125 1.50 40.39 -4.25
C GLN B 125 2.64 40.98 -5.09
N LEU B 126 2.31 41.92 -5.98
CA LEU B 126 3.34 42.56 -6.78
C LEU B 126 4.32 43.34 -5.91
N LYS B 127 3.86 43.83 -4.75
CA LYS B 127 4.75 44.55 -3.85
C LYS B 127 5.77 43.64 -3.18
N SER B 128 5.55 42.33 -3.17
CA SER B 128 6.44 41.39 -2.52
C SER B 128 7.42 40.73 -3.49
N GLY B 129 7.36 41.03 -4.78
CA GLY B 129 8.35 40.58 -5.73
C GLY B 129 7.94 39.41 -6.61
N THR B 130 6.85 38.73 -6.29
CA THR B 130 6.38 37.60 -7.08
C THR B 130 5.04 37.93 -7.70
N ALA B 131 4.81 37.41 -8.91
CA ALA B 131 3.59 37.67 -9.66
C ALA B 131 2.96 36.35 -10.06
N SER B 132 1.70 36.15 -9.65
CA SER B 132 0.95 34.93 -9.96
C SER B 132 -0.26 35.28 -10.80
N VAL B 133 -0.34 34.71 -11.99
CA VAL B 133 -1.49 34.85 -12.88
C VAL B 133 -2.23 33.52 -12.87
N VAL B 134 -3.54 33.59 -12.62
CA VAL B 134 -4.37 32.39 -12.47
C VAL B 134 -5.34 32.31 -13.64
N CYS B 135 -5.41 31.15 -14.26
CA CYS B 135 -6.40 30.85 -15.29
C CYS B 135 -7.33 29.75 -14.76
N LEU B 136 -8.63 29.94 -14.94
CA LEU B 136 -9.63 29.04 -14.39
C LEU B 136 -10.45 28.41 -15.50
N LEU B 137 -10.52 27.08 -15.50
CA LEU B 137 -11.44 26.33 -16.36
C LEU B 137 -12.50 25.73 -15.44
N ASN B 138 -13.74 26.17 -15.60
CA ASN B 138 -14.79 25.90 -14.63
C ASN B 138 -15.83 24.96 -15.21
N ASN B 139 -16.07 23.85 -14.52
CA ASN B 139 -17.19 22.93 -14.75
C ASN B 139 -17.23 22.46 -16.20
N PHE B 140 -16.24 21.62 -16.53
CA PHE B 140 -16.16 21.01 -17.85
C PHE B 140 -16.15 19.49 -17.72
N TYR B 141 -16.35 18.82 -18.86
CA TYR B 141 -16.32 17.37 -18.94
C TYR B 141 -16.15 17.01 -20.41
N PRO B 142 -15.32 16.02 -20.76
CA PRO B 142 -14.49 15.21 -19.84
C PRO B 142 -13.28 15.94 -19.28
N ARG B 143 -12.47 15.21 -18.52
CA ARG B 143 -11.38 15.83 -17.76
C ARG B 143 -10.27 16.35 -18.66
N GLU B 144 -10.04 15.68 -19.80
CA GLU B 144 -8.89 16.00 -20.63
C GLU B 144 -9.00 17.43 -21.18
N ALA B 145 -7.99 18.24 -20.90
CA ALA B 145 -7.95 19.61 -21.37
C ALA B 145 -6.51 20.10 -21.35
N LYS B 146 -6.25 21.16 -22.08
CA LYS B 146 -4.92 21.73 -22.18
C LYS B 146 -4.99 23.24 -22.00
N VAL B 147 -4.01 23.78 -21.28
CA VAL B 147 -3.94 25.20 -20.97
C VAL B 147 -2.58 25.70 -21.40
N GLN B 148 -2.54 26.62 -22.35
CA GLN B 148 -1.30 27.22 -22.83
C GLN B 148 -1.26 28.69 -22.42
N TRP B 149 -0.17 29.08 -21.76
CA TRP B 149 0.05 30.46 -21.36
C TRP B 149 0.88 31.16 -22.42
N LYS B 150 0.37 32.30 -22.89
CA LYS B 150 1.08 33.13 -23.87
C LYS B 150 1.27 34.52 -23.29
N VAL B 151 2.52 34.95 -23.17
CA VAL B 151 2.87 36.26 -22.65
C VAL B 151 3.41 37.07 -23.82
N ASP B 152 2.66 38.10 -24.24
CA ASP B 152 2.95 38.84 -25.47
C ASP B 152 2.99 37.87 -26.67
N ASN B 153 1.97 37.01 -26.74
CA ASN B 153 1.83 35.98 -27.76
C ASN B 153 2.99 34.99 -27.75
N ALA B 154 3.65 34.83 -26.61
CA ALA B 154 4.79 33.92 -26.48
C ALA B 154 4.43 32.78 -25.55
N LEU B 155 4.45 31.55 -26.08
CA LEU B 155 4.19 30.37 -25.26
C LEU B 155 5.23 30.24 -24.17
N GLN B 156 4.78 29.92 -22.96
CA GLN B 156 5.63 29.80 -21.80
C GLN B 156 5.80 28.34 -21.42
N SER B 157 6.82 28.06 -20.60
CA SER B 157 7.10 26.71 -20.15
C SER B 157 7.89 26.78 -18.85
N GLY B 158 7.58 25.87 -17.93
CA GLY B 158 8.28 25.78 -16.66
C GLY B 158 7.82 26.75 -15.60
N ASN B 159 6.91 27.67 -15.92
CA ASN B 159 6.40 28.63 -14.96
C ASN B 159 4.94 28.39 -14.62
N SER B 160 4.36 27.27 -15.06
CA SER B 160 2.95 26.98 -14.87
C SER B 160 2.78 25.77 -13.97
N GLN B 161 1.67 25.74 -13.23
CA GLN B 161 1.30 24.62 -12.37
C GLN B 161 -0.21 24.44 -12.44
N GLU B 162 -0.64 23.20 -12.70
CA GLU B 162 -2.04 22.89 -12.85
C GLU B 162 -2.57 22.15 -11.62
N SER B 163 -3.85 22.38 -11.32
CA SER B 163 -4.54 21.69 -10.22
C SER B 163 -5.96 21.40 -10.67
N VAL B 164 -6.38 20.15 -10.52
CA VAL B 164 -7.69 19.70 -10.96
C VAL B 164 -8.48 19.21 -9.76
N THR B 165 -9.76 19.56 -9.73
CA THR B 165 -10.64 19.05 -8.69
C THR B 165 -11.14 17.66 -9.06
N GLU B 166 -11.72 16.98 -8.07
CA GLU B 166 -12.43 15.75 -8.35
C GLU B 166 -13.83 16.08 -8.87
N GLN B 167 -14.52 15.05 -9.35
CA GLN B 167 -15.84 15.24 -9.93
C GLN B 167 -16.79 15.84 -8.91
N ASP B 168 -17.57 16.82 -9.36
CA ASP B 168 -18.53 17.48 -8.49
C ASP B 168 -19.64 16.52 -8.10
N SER B 169 -20.19 16.72 -6.89
CA SER B 169 -21.25 15.84 -6.40
C SER B 169 -22.52 15.98 -7.23
N LYS B 170 -22.80 17.19 -7.74
CA LYS B 170 -23.98 17.43 -8.54
C LYS B 170 -23.67 17.47 -10.03
N ASP B 171 -22.69 18.27 -10.43
CA ASP B 171 -22.38 18.47 -11.84
C ASP B 171 -21.71 17.25 -12.44
N SER B 172 -20.96 16.48 -11.64
CA SER B 172 -20.04 15.46 -12.12
C SER B 172 -19.00 16.05 -13.08
N THR B 173 -18.70 17.34 -12.92
CA THR B 173 -17.73 18.04 -13.74
C THR B 173 -16.43 18.27 -12.98
N TYR B 174 -15.38 18.58 -13.71
CA TYR B 174 -14.09 18.94 -13.15
C TYR B 174 -13.87 20.44 -13.29
N SER B 175 -12.88 20.95 -12.57
CA SER B 175 -12.43 22.32 -12.73
C SER B 175 -10.92 22.35 -12.59
N LEU B 176 -10.28 23.21 -13.36
CA LEU B 176 -8.83 23.27 -13.44
C LEU B 176 -8.34 24.68 -13.16
N SER B 177 -7.22 24.78 -12.47
CA SER B 177 -6.54 26.04 -12.20
C SER B 177 -5.12 25.93 -12.70
N SER B 178 -4.73 26.84 -13.60
CA SER B 178 -3.36 26.93 -14.09
C SER B 178 -2.77 28.25 -13.62
N THR B 179 -1.75 28.16 -12.77
CA THR B 179 -1.14 29.32 -12.15
C THR B 179 0.25 29.54 -12.75
N LEU B 180 0.51 30.77 -13.18
CA LEU B 180 1.80 31.15 -13.74
C LEU B 180 2.51 32.08 -12.77
N THR B 181 3.71 31.69 -12.35
CA THR B 181 4.49 32.45 -11.38
C THR B 181 5.66 33.11 -12.09
N LEU B 182 5.77 34.43 -11.98
CA LEU B 182 6.83 35.21 -12.60
C LEU B 182 7.39 36.20 -11.60
N SER B 183 8.55 36.76 -11.94
CA SER B 183 9.13 37.82 -11.14
C SER B 183 8.36 39.11 -11.33
N LYS B 184 8.36 39.95 -10.28
CA LYS B 184 7.71 41.26 -10.39
C LYS B 184 8.32 42.09 -11.50
N ALA B 185 9.65 42.09 -11.60
CA ALA B 185 10.31 42.79 -12.69
C ALA B 185 10.01 42.14 -14.03
N ASP B 186 10.00 40.80 -14.07
CA ASP B 186 9.66 40.10 -15.31
C ASP B 186 8.20 40.34 -15.69
N TYR B 187 7.32 40.49 -14.71
CA TYR B 187 5.92 40.78 -14.99
C TYR B 187 5.76 42.18 -15.58
N GLU B 188 6.47 43.16 -15.01
CA GLU B 188 6.37 44.53 -15.50
C GLU B 188 7.06 44.73 -16.85
N LYS B 189 7.75 43.71 -17.36
CA LYS B 189 8.45 43.87 -18.64
C LYS B 189 7.52 43.66 -19.82
N HIS B 190 6.63 42.67 -19.74
CA HIS B 190 5.76 42.31 -20.84
C HIS B 190 4.36 42.84 -20.62
N LYS B 191 3.64 43.03 -21.72
CA LYS B 191 2.37 43.76 -21.69
C LYS B 191 1.16 42.86 -21.55
N VAL B 192 0.87 42.06 -22.58
CA VAL B 192 -0.37 41.30 -22.67
C VAL B 192 -0.15 39.89 -22.15
N TYR B 193 -1.06 39.42 -21.30
CA TYR B 193 -1.04 38.07 -20.76
C TYR B 193 -2.35 37.38 -21.13
N ALA B 194 -2.24 36.20 -21.75
CA ALA B 194 -3.40 35.48 -22.26
C ALA B 194 -3.34 34.01 -21.83
N CYS B 195 -4.52 33.43 -21.66
CA CYS B 195 -4.66 32.01 -21.33
C CYS B 195 -5.47 31.35 -22.45
N GLU B 196 -4.87 30.35 -23.10
CA GLU B 196 -5.49 29.64 -24.20
C GLU B 196 -5.92 28.26 -23.73
N VAL B 197 -7.17 27.90 -24.01
CA VAL B 197 -7.79 26.67 -23.52
C VAL B 197 -8.37 25.90 -24.69
N THR B 198 -8.01 24.62 -24.80
CA THR B 198 -8.54 23.74 -25.83
C THR B 198 -9.17 22.53 -25.17
N HIS B 199 -10.38 22.18 -25.61
CA HIS B 199 -11.16 21.10 -25.03
C HIS B 199 -12.32 20.79 -25.95
N GLN B 200 -12.85 19.57 -25.83
CA GLN B 200 -14.10 19.25 -26.50
C GLN B 200 -15.20 20.19 -26.00
N GLY B 201 -16.26 20.30 -26.80
CA GLY B 201 -17.29 21.27 -26.49
C GLY B 201 -16.90 22.71 -26.73
N LEU B 202 -15.64 22.96 -27.07
CA LEU B 202 -15.19 24.26 -27.56
C LEU B 202 -14.83 24.12 -29.02
N SER B 203 -15.58 24.82 -29.88
CA SER B 203 -15.36 24.70 -31.33
C SER B 203 -13.94 25.07 -31.71
N SER B 204 -13.40 26.13 -31.13
CA SER B 204 -12.03 26.56 -31.32
C SER B 204 -11.43 26.92 -29.96
N PRO B 205 -10.12 26.80 -29.82
CA PRO B 205 -9.48 27.16 -28.54
C PRO B 205 -9.81 28.58 -28.13
N VAL B 206 -10.33 28.72 -26.91
CA VAL B 206 -10.79 30.00 -26.39
C VAL B 206 -9.67 30.67 -25.61
N THR B 207 -9.45 31.95 -25.89
CA THR B 207 -8.40 32.73 -25.25
C THR B 207 -9.02 33.81 -24.38
N LYS B 208 -8.53 33.91 -23.14
CA LYS B 208 -8.89 34.99 -22.23
C LYS B 208 -7.63 35.74 -21.86
N SER B 209 -7.57 37.01 -22.23
CA SER B 209 -6.37 37.83 -22.08
C SER B 209 -6.66 39.06 -21.22
N PHE B 210 -5.58 39.73 -20.82
CA PHE B 210 -5.69 41.01 -20.12
C PHE B 210 -4.39 41.78 -20.33
N ASN B 211 -4.51 43.10 -20.28
CA ASN B 211 -3.37 44.00 -20.41
C ASN B 211 -2.91 44.44 -19.02
N ARG B 212 -1.60 44.51 -18.83
CA ARG B 212 -1.05 44.71 -17.48
C ARG B 212 -1.54 46.01 -16.85
N GLY B 213 -1.82 47.03 -17.65
CA GLY B 213 -2.22 48.32 -17.15
C GLY B 213 -3.47 48.32 -16.30
N GLU B 214 -4.63 48.24 -16.94
CA GLU B 214 -5.90 48.28 -16.22
C GLU B 214 -6.97 47.46 -16.94
N GLU C 1 -18.35 -1.06 17.16
CA GLU C 1 -17.71 -2.09 17.97
C GLU C 1 -16.19 -2.00 17.87
N VAL C 2 -15.63 -2.64 16.85
CA VAL C 2 -14.19 -2.64 16.64
C VAL C 2 -13.79 -1.34 15.98
N GLN C 3 -12.86 -0.61 16.60
CA GLN C 3 -12.34 0.63 16.06
C GLN C 3 -10.82 0.69 16.23
N LEU C 4 -10.16 1.29 15.26
CA LEU C 4 -8.71 1.47 15.29
C LEU C 4 -8.42 2.96 15.16
N GLN C 5 -7.89 3.55 16.23
CA GLN C 5 -7.59 4.98 16.28
C GLN C 5 -6.09 5.18 16.11
N GLN C 6 -5.69 5.77 15.00
CA GLN C 6 -4.28 6.06 14.73
C GLN C 6 -3.93 7.47 15.16
N SER C 7 -2.63 7.71 15.34
CA SER C 7 -2.17 9.01 15.81
C SER C 7 -2.34 10.06 14.71
N GLY C 8 -2.18 11.32 15.09
CA GLY C 8 -2.45 12.42 14.21
C GLY C 8 -1.35 12.70 13.20
N THR C 9 -1.63 13.66 12.32
CA THR C 9 -0.68 14.08 11.30
C THR C 9 0.60 14.62 11.94
N VAL C 10 1.74 14.19 11.42
CA VAL C 10 3.04 14.50 12.01
C VAL C 10 3.98 14.99 10.92
N LEU C 11 4.80 16.00 11.26
CA LEU C 11 5.82 16.54 10.37
C LEU C 11 7.18 16.15 10.91
N ALA C 12 8.03 15.60 10.04
CA ALA C 12 9.34 15.12 10.44
C ALA C 12 10.38 15.56 9.43
N ARG C 13 11.63 15.76 9.91
CA ARG C 13 12.69 16.28 9.07
C ARG C 13 13.52 15.14 8.48
N PRO C 14 14.16 15.36 7.33
CA PRO C 14 14.91 14.27 6.68
C PRO C 14 16.11 13.84 7.53
N GLY C 15 16.29 12.53 7.65
CA GLY C 15 17.36 11.97 8.44
C GLY C 15 17.01 11.69 9.88
N ALA C 16 15.81 12.06 10.32
CA ALA C 16 15.37 11.86 11.69
C ALA C 16 14.52 10.59 11.77
N SER C 17 13.69 10.50 12.81
CA SER C 17 12.82 9.36 13.02
C SER C 17 11.44 9.85 13.44
N VAL C 18 10.43 9.03 13.17
CA VAL C 18 9.06 9.32 13.55
C VAL C 18 8.42 8.04 14.06
N LYS C 19 7.54 8.17 15.05
CA LYS C 19 6.84 7.04 15.64
C LYS C 19 5.34 7.36 15.69
N MET C 20 4.53 6.46 15.13
CA MET C 20 3.09 6.62 15.09
C MET C 20 2.42 5.47 15.84
N SER C 21 1.19 5.69 16.27
CA SER C 21 0.47 4.73 17.10
C SER C 21 -0.80 4.26 16.41
N CYS C 22 -1.33 3.14 16.91
CA CYS C 22 -2.58 2.56 16.42
C CYS C 22 -3.25 1.88 17.61
N LYS C 23 -4.31 2.50 18.14
CA LYS C 23 -4.96 2.04 19.36
C LYS C 23 -6.22 1.26 19.02
N ALA C 24 -6.37 0.08 19.62
CA ALA C 24 -7.46 -0.83 19.31
C ALA C 24 -8.50 -0.82 20.42
N SER C 25 -9.77 -0.97 20.02
CA SER C 25 -10.86 -1.07 20.98
C SER C 25 -11.95 -1.95 20.37
N GLY C 26 -12.65 -2.69 21.23
CA GLY C 26 -13.76 -3.52 20.81
C GLY C 26 -13.42 -4.97 20.60
N TYR C 27 -12.17 -5.38 20.82
CA TYR C 27 -11.80 -6.78 20.71
C TYR C 27 -10.58 -7.04 21.59
N THR C 28 -10.35 -8.31 21.89
CA THR C 28 -9.18 -8.72 22.65
C THR C 28 -7.93 -8.43 21.81
N PHE C 29 -7.21 -7.38 22.19
CA PHE C 29 -6.06 -6.91 21.42
C PHE C 29 -5.04 -8.02 21.20
N THR C 30 -4.94 -8.97 22.13
CA THR C 30 -3.91 -9.99 22.08
C THR C 30 -4.22 -11.11 21.08
N SER C 31 -5.50 -11.32 20.73
CA SER C 31 -5.88 -12.50 19.96
C SER C 31 -5.68 -12.35 18.46
N TYR C 32 -5.38 -11.16 17.95
CA TYR C 32 -5.32 -10.92 16.52
C TYR C 32 -3.99 -10.29 16.14
N TRP C 33 -3.62 -10.46 14.87
CA TRP C 33 -2.45 -9.78 14.32
C TRP C 33 -2.80 -8.35 13.92
N MET C 34 -1.77 -7.56 13.67
CA MET C 34 -1.93 -6.18 13.23
C MET C 34 -1.01 -5.95 12.04
N HIS C 35 -1.57 -5.39 10.97
CA HIS C 35 -0.82 -5.09 9.76
C HIS C 35 -0.65 -3.58 9.59
N TRP C 36 0.44 -3.19 8.93
CA TRP C 36 0.74 -1.80 8.64
C TRP C 36 0.96 -1.63 7.15
N MET C 37 0.31 -0.64 6.55
CA MET C 37 0.40 -0.39 5.12
C MET C 37 0.91 1.02 4.86
N LYS C 38 1.58 1.18 3.71
CA LYS C 38 2.06 2.47 3.24
C LYS C 38 1.35 2.79 1.94
N GLN C 39 0.85 4.03 1.82
CA GLN C 39 0.17 4.48 0.61
C GLN C 39 0.70 5.88 0.27
N ARG C 40 1.58 5.95 -0.73
CA ARG C 40 2.01 7.25 -1.22
C ARG C 40 0.90 7.89 -2.06
N PRO C 41 0.84 9.23 -2.11
CA PRO C 41 -0.25 9.90 -2.84
C PRO C 41 -0.36 9.46 -4.29
N GLY C 42 -1.54 8.97 -4.67
CA GLY C 42 -1.78 8.57 -6.04
C GLY C 42 -1.19 7.23 -6.44
N GLN C 43 -1.08 6.29 -5.51
CA GLN C 43 -0.54 4.96 -5.80
C GLN C 43 -1.28 3.92 -4.96
N GLY C 44 -0.90 2.66 -5.13
CA GLY C 44 -1.48 1.58 -4.37
C GLY C 44 -0.85 1.43 -3.00
N LEU C 45 -1.34 0.44 -2.25
CA LEU C 45 -0.90 0.19 -0.89
C LEU C 45 0.28 -0.76 -0.87
N GLU C 46 1.26 -0.47 -0.02
CA GLU C 46 2.39 -1.36 0.23
C GLU C 46 2.28 -1.93 1.64
N TRP C 47 2.50 -3.24 1.76
CA TRP C 47 2.50 -3.90 3.05
C TRP C 47 3.88 -3.76 3.69
N ILE C 48 3.93 -3.14 4.87
CA ILE C 48 5.18 -2.92 5.58
C ILE C 48 5.56 -4.14 6.42
N GLY C 49 4.65 -4.57 7.28
CA GLY C 49 4.94 -5.70 8.15
C GLY C 49 3.73 -6.01 9.01
N THR C 50 3.92 -6.98 9.91
CA THR C 50 2.85 -7.39 10.79
C THR C 50 3.43 -7.79 12.15
N ILE C 51 2.61 -7.65 13.19
CA ILE C 51 3.03 -7.94 14.55
C ILE C 51 1.90 -8.65 15.29
N TYR C 52 2.26 -9.64 16.11
CA TYR C 52 1.27 -10.32 16.94
C TYR C 52 1.43 -9.83 18.36
N PRO C 53 0.54 -8.97 18.87
CA PRO C 53 0.78 -8.31 20.15
C PRO C 53 0.95 -9.27 21.32
N GLY C 54 0.32 -10.44 21.30
CA GLY C 54 0.47 -11.38 22.40
C GLY C 54 1.90 -11.83 22.59
N ASN C 55 2.58 -12.12 21.48
CA ASN C 55 4.00 -12.47 21.52
C ASN C 55 4.92 -11.30 21.25
N SER C 56 4.40 -10.21 20.66
CA SER C 56 5.19 -9.17 20.03
C SER C 56 6.07 -9.74 18.92
N ASP C 57 5.71 -10.92 18.41
CA ASP C 57 6.38 -11.48 17.25
C ASP C 57 6.12 -10.63 16.02
N THR C 58 7.09 -10.63 15.10
CA THR C 58 7.04 -9.75 13.95
C THR C 58 7.35 -10.52 12.68
N ASN C 59 6.88 -9.97 11.56
CA ASN C 59 7.24 -10.45 10.22
C ASN C 59 7.23 -9.24 9.31
N TYR C 60 8.40 -8.87 8.78
CA TYR C 60 8.56 -7.65 8.00
C TYR C 60 8.67 -7.97 6.52
N ASN C 61 8.10 -7.08 5.70
CA ASN C 61 8.44 -7.07 4.28
C ASN C 61 9.92 -6.79 4.13
N GLN C 62 10.59 -7.56 3.27
CA GLN C 62 12.02 -7.35 3.05
C GLN C 62 12.31 -5.92 2.62
N LYS C 63 11.36 -5.28 1.93
CA LYS C 63 11.56 -3.91 1.46
C LYS C 63 11.72 -2.93 2.61
N PHE C 64 11.00 -3.15 3.71
CA PHE C 64 11.02 -2.26 4.86
C PHE C 64 11.75 -2.86 6.04
N LYS C 65 12.69 -3.76 5.78
CA LYS C 65 13.35 -4.50 6.86
C LYS C 65 14.09 -3.55 7.80
N GLY C 66 14.91 -2.66 7.27
CA GLY C 66 15.62 -1.71 8.10
C GLY C 66 14.93 -0.38 8.30
N LYS C 67 13.81 -0.16 7.61
CA LYS C 67 13.14 1.13 7.65
C LYS C 67 12.21 1.24 8.85
N ALA C 68 11.43 0.19 9.13
CA ALA C 68 10.35 0.26 10.11
C ALA C 68 10.61 -0.66 11.30
N LYS C 69 10.11 -0.24 12.46
CA LYS C 69 10.18 -1.02 13.69
C LYS C 69 8.78 -1.11 14.26
N LEU C 70 8.31 -2.34 14.48
CA LEU C 70 6.96 -2.60 14.96
C LEU C 70 7.02 -3.08 16.41
N THR C 71 6.33 -2.36 17.31
CA THR C 71 6.23 -2.72 18.71
C THR C 71 4.77 -2.70 19.12
N ALA C 72 4.52 -3.17 20.34
CA ALA C 72 3.16 -3.24 20.88
C ALA C 72 3.18 -3.16 22.40
N VAL C 73 2.20 -2.46 22.95
CA VAL C 73 2.03 -2.32 24.40
C VAL C 73 0.65 -2.85 24.75
N THR C 74 0.60 -3.99 25.44
CA THR C 74 -0.68 -4.64 25.71
C THR C 74 -1.50 -3.87 26.74
N SER C 75 -0.83 -3.26 27.72
CA SER C 75 -1.57 -2.54 28.76
C SER C 75 -2.38 -1.39 28.20
N THR C 76 -1.99 -0.85 27.04
CA THR C 76 -2.68 0.26 26.42
C THR C 76 -3.41 -0.12 25.13
N ASN C 77 -3.39 -1.40 24.74
CA ASN C 77 -4.07 -1.87 23.53
C ASN C 77 -3.61 -1.07 22.30
N THR C 78 -2.31 -0.82 22.21
CA THR C 78 -1.77 0.10 21.22
C THR C 78 -0.58 -0.53 20.50
N ALA C 79 -0.59 -0.43 19.17
CA ALA C 79 0.55 -0.80 18.35
C ALA C 79 1.29 0.44 17.89
N TYR C 80 2.59 0.31 17.69
CA TYR C 80 3.42 1.43 17.27
C TYR C 80 4.26 1.03 16.06
N MET C 81 4.54 2.01 15.21
CA MET C 81 5.46 1.85 14.10
C MET C 81 6.43 3.02 14.09
N GLU C 82 7.73 2.72 14.06
CA GLU C 82 8.79 3.73 14.08
C GLU C 82 9.56 3.64 12.78
N LEU C 83 9.57 4.74 12.02
CA LEU C 83 10.29 4.81 10.77
C LEU C 83 11.60 5.57 10.98
N SER C 84 12.70 5.00 10.49
CA SER C 84 14.04 5.55 10.69
C SER C 84 14.66 5.94 9.35
N SER C 85 15.71 6.75 9.44
CA SER C 85 16.44 7.24 8.27
C SER C 85 15.49 7.84 7.24
N LEU C 86 14.73 8.84 7.68
CA LEU C 86 13.61 9.35 6.90
C LEU C 86 14.07 10.04 5.62
N THR C 87 13.37 9.74 4.54
CA THR C 87 13.56 10.34 3.23
C THR C 87 12.26 11.05 2.84
N ASN C 88 12.34 11.89 1.81
CA ASN C 88 11.12 12.43 1.21
C ASN C 88 10.26 11.31 0.64
N GLU C 89 10.87 10.20 0.23
CA GLU C 89 10.12 9.05 -0.27
C GLU C 89 9.30 8.37 0.82
N ASP C 90 9.61 8.62 2.09
CA ASP C 90 8.84 8.08 3.19
C ASP C 90 7.60 8.90 3.51
N SER C 91 7.37 9.99 2.79
CA SER C 91 6.17 10.80 2.98
C SER C 91 4.98 10.09 2.35
N ALA C 92 4.03 9.69 3.18
CA ALA C 92 2.85 8.96 2.72
C ALA C 92 1.84 8.90 3.86
N VAL C 93 0.69 8.29 3.58
CA VAL C 93 -0.31 7.99 4.59
C VAL C 93 -0.16 6.53 4.96
N TYR C 94 0.00 6.25 6.26
CA TYR C 94 0.22 4.91 6.76
C TYR C 94 -1.00 4.43 7.52
N TYR C 95 -1.42 3.19 7.24
CA TYR C 95 -2.61 2.59 7.83
C TYR C 95 -2.22 1.42 8.72
N CYS C 96 -3.07 1.14 9.70
CA CYS C 96 -3.04 -0.11 10.44
C CYS C 96 -4.37 -0.83 10.23
N SER C 97 -4.31 -2.16 10.20
CA SER C 97 -5.48 -2.96 9.88
C SER C 97 -5.46 -4.27 10.67
N ARG C 98 -6.65 -4.73 11.03
CA ARG C 98 -6.83 -6.00 11.70
C ARG C 98 -7.60 -6.95 10.80
N PRO C 99 -7.13 -8.18 10.59
CA PRO C 99 -7.85 -9.10 9.71
C PRO C 99 -9.14 -9.61 10.35
N THR C 100 -9.92 -10.32 9.53
CA THR C 100 -11.23 -10.80 9.98
C THR C 100 -11.10 -11.77 11.14
N THR C 101 -10.24 -12.78 10.99
CA THR C 101 -10.01 -13.80 12.01
C THR C 101 -8.62 -13.66 12.60
N ALA C 102 -8.30 -14.56 13.53
CA ALA C 102 -6.95 -14.58 14.10
C ALA C 102 -5.91 -15.00 13.07
N THR C 103 -6.32 -15.70 12.01
CA THR C 103 -5.42 -16.01 10.91
C THR C 103 -4.95 -14.73 10.24
N ARG C 104 -3.63 -14.52 10.21
CA ARG C 104 -3.08 -13.27 9.71
C ARG C 104 -3.25 -13.10 8.21
N SER C 105 -3.70 -14.13 7.50
CA SER C 105 -3.92 -14.07 6.07
C SER C 105 -5.36 -13.73 5.69
N SER C 106 -6.28 -13.76 6.65
CA SER C 106 -7.67 -13.45 6.36
C SER C 106 -7.81 -11.99 5.94
N ALA C 107 -8.97 -11.66 5.37
CA ALA C 107 -9.19 -10.34 4.80
C ALA C 107 -8.99 -9.25 5.83
N MET C 108 -8.30 -8.18 5.43
CA MET C 108 -8.13 -7.03 6.30
C MET C 108 -9.47 -6.32 6.50
N ASP C 109 -10.19 -6.73 7.54
CA ASP C 109 -11.58 -6.29 7.72
C ASP C 109 -11.66 -4.88 8.27
N TYR C 110 -10.96 -4.61 9.37
CA TYR C 110 -11.06 -3.32 10.06
C TYR C 110 -9.82 -2.49 9.77
N TRP C 111 -10.02 -1.19 9.54
CA TRP C 111 -8.97 -0.29 9.10
C TRP C 111 -8.96 0.96 9.97
N GLY C 112 -7.77 1.37 10.40
CA GLY C 112 -7.61 2.66 11.02
C GLY C 112 -7.74 3.80 10.01
N GLN C 113 -7.91 5.01 10.53
CA GLN C 113 -8.13 6.16 9.67
C GLN C 113 -6.85 6.64 8.98
N GLY C 114 -5.70 6.12 9.35
CA GLY C 114 -4.47 6.49 8.67
C GLY C 114 -3.79 7.68 9.31
N THR C 115 -2.45 7.66 9.26
CA THR C 115 -1.63 8.76 9.75
C THR C 115 -0.84 9.33 8.58
N SER C 116 -1.01 10.62 8.33
CA SER C 116 -0.27 11.31 7.29
C SER C 116 1.03 11.84 7.87
N VAL C 117 2.16 11.39 7.34
CA VAL C 117 3.47 11.89 7.73
C VAL C 117 4.05 12.64 6.55
N THR C 118 4.47 13.88 6.80
CA THR C 118 5.15 14.71 5.81
C THR C 118 6.61 14.83 6.20
N VAL C 119 7.51 14.52 5.27
CA VAL C 119 8.94 14.57 5.51
C VAL C 119 9.51 15.66 4.62
N SER C 120 9.91 16.77 5.24
CA SER C 120 10.43 17.90 4.47
C SER C 120 11.33 18.74 5.35
N SER C 121 12.34 19.34 4.73
CA SER C 121 13.15 20.36 5.38
C SER C 121 12.50 21.73 5.34
N ALA C 122 11.25 21.80 4.90
CA ALA C 122 10.58 23.06 4.68
C ALA C 122 10.17 23.70 6.00
N SER C 123 9.75 24.95 5.91
CA SER C 123 9.47 25.79 7.08
C SER C 123 7.98 25.82 7.38
N THR C 124 7.62 25.60 8.64
CA THR C 124 6.26 25.87 9.08
C THR C 124 5.99 27.35 8.89
N LYS C 125 5.10 27.70 7.96
CA LYS C 125 4.87 29.08 7.58
C LYS C 125 3.40 29.29 7.30
N GLY C 126 2.87 30.42 7.76
CA GLY C 126 1.52 30.81 7.46
C GLY C 126 1.37 31.14 5.98
N PRO C 127 0.13 31.13 5.48
CA PRO C 127 -0.10 31.42 4.07
C PRO C 127 -0.34 32.90 3.80
N SER C 128 0.09 33.33 2.63
CA SER C 128 -0.23 34.65 2.13
C SER C 128 -1.47 34.56 1.25
N VAL C 129 -2.47 35.38 1.56
CA VAL C 129 -3.76 35.34 0.89
C VAL C 129 -3.88 36.57 0.01
N PHE C 130 -3.92 36.36 -1.30
CA PHE C 130 -4.08 37.42 -2.28
C PHE C 130 -5.43 37.29 -2.99
N PRO C 131 -6.10 38.41 -3.27
CA PRO C 131 -7.42 38.33 -3.92
C PRO C 131 -7.31 37.98 -5.40
N LEU C 132 -8.34 37.28 -5.88
CA LEU C 132 -8.50 37.00 -7.31
C LEU C 132 -9.69 37.81 -7.78
N ALA C 133 -9.43 38.77 -8.67
CA ALA C 133 -10.35 39.86 -8.97
C ALA C 133 -11.55 39.38 -9.79
N PRO C 134 -12.75 39.89 -9.52
CA PRO C 134 -13.90 39.62 -10.41
C PRO C 134 -13.61 40.03 -11.84
N SER C 135 -12.95 41.18 -12.02
CA SER C 135 -12.34 41.57 -13.28
C SER C 135 -13.35 41.56 -14.44
N SER C 136 -14.29 42.49 -14.37
CA SER C 136 -15.27 42.68 -15.44
C SER C 136 -14.58 43.26 -16.67
N GLY C 141 -22.38 41.12 -16.88
CA GLY C 141 -23.21 40.34 -17.78
C GLY C 141 -23.04 38.84 -17.59
N GLY C 142 -23.89 38.25 -16.75
CA GLY C 142 -23.83 36.82 -16.49
C GLY C 142 -23.37 36.52 -15.09
N THR C 143 -22.58 35.46 -14.94
CA THR C 143 -21.98 35.08 -13.66
C THR C 143 -20.48 35.26 -13.74
N ALA C 144 -19.92 36.04 -12.83
CA ALA C 144 -18.50 36.32 -12.78
C ALA C 144 -17.79 35.36 -11.83
N ALA C 145 -16.47 35.27 -11.99
CA ALA C 145 -15.63 34.43 -11.15
C ALA C 145 -14.81 35.28 -10.19
N LEU C 146 -14.59 34.74 -8.99
CA LEU C 146 -13.95 35.47 -7.91
C LEU C 146 -13.34 34.46 -6.94
N GLY C 147 -12.14 34.75 -6.45
CA GLY C 147 -11.47 33.76 -5.63
C GLY C 147 -10.39 34.35 -4.75
N CYS C 148 -9.67 33.45 -4.08
CA CYS C 148 -8.56 33.79 -3.20
C CYS C 148 -7.39 32.86 -3.49
N LEU C 149 -6.19 33.40 -3.44
CA LEU C 149 -4.96 32.64 -3.70
C LEU C 149 -4.24 32.44 -2.38
N VAL C 150 -4.19 31.20 -1.90
CA VAL C 150 -3.56 30.85 -0.64
C VAL C 150 -2.18 30.28 -0.98
N LYS C 151 -1.14 31.09 -0.79
CA LYS C 151 0.18 30.78 -1.31
C LYS C 151 1.22 30.69 -0.21
N ASP C 152 2.25 29.88 -0.46
CA ASP C 152 3.45 29.78 0.37
C ASP C 152 3.10 29.44 1.82
N TYR C 153 2.62 28.22 2.02
CA TYR C 153 2.33 27.72 3.35
C TYR C 153 2.84 26.30 3.49
N PHE C 154 3.08 25.90 4.74
CA PHE C 154 3.59 24.59 5.09
C PHE C 154 3.35 24.41 6.58
N PRO C 155 2.88 23.24 7.03
CA PRO C 155 2.57 22.08 6.19
C PRO C 155 1.22 22.16 5.47
N GLU C 156 0.74 21.01 5.02
CA GLU C 156 -0.32 20.97 4.02
C GLU C 156 -1.69 21.47 4.50
N PRO C 157 -2.22 21.05 5.66
CA PRO C 157 -3.65 21.35 5.95
C PRO C 157 -3.97 22.84 5.94
N VAL C 158 -4.87 23.23 5.02
CA VAL C 158 -5.37 24.60 4.91
C VAL C 158 -6.87 24.54 4.67
N THR C 159 -7.60 25.46 5.30
CA THR C 159 -9.05 25.50 5.24
C THR C 159 -9.48 26.83 4.62
N VAL C 160 -10.38 26.76 3.64
CA VAL C 160 -10.96 27.95 3.02
C VAL C 160 -12.47 27.88 3.11
N SER C 161 -13.08 28.95 3.61
CA SER C 161 -14.53 29.13 3.59
C SER C 161 -14.84 30.50 3.02
N TRP C 162 -16.11 30.74 2.73
CA TRP C 162 -16.54 32.00 2.13
C TRP C 162 -17.69 32.59 2.93
N ASN C 163 -17.54 33.87 3.29
CA ASN C 163 -18.54 34.59 4.08
C ASN C 163 -18.85 33.86 5.39
N SER C 164 -17.79 33.40 6.06
CA SER C 164 -17.89 32.72 7.35
C SER C 164 -18.77 31.47 7.26
N GLY C 165 -18.82 30.85 6.10
CA GLY C 165 -19.56 29.62 5.91
C GLY C 165 -20.95 29.77 5.32
N ALA C 166 -21.35 30.99 4.97
CA ALA C 166 -22.68 31.24 4.44
C ALA C 166 -22.75 31.17 2.92
N LEU C 167 -21.64 30.87 2.25
CA LEU C 167 -21.59 30.77 0.80
C LEU C 167 -21.04 29.40 0.42
N THR C 168 -21.94 28.46 0.15
CA THR C 168 -21.56 27.11 -0.24
C THR C 168 -21.68 26.87 -1.74
N SER C 169 -22.64 27.51 -2.40
CA SER C 169 -22.89 27.25 -3.81
C SER C 169 -21.79 27.87 -4.68
N GLY C 170 -21.34 27.09 -5.67
CA GLY C 170 -20.40 27.56 -6.66
C GLY C 170 -18.93 27.55 -6.26
N VAL C 171 -18.60 27.04 -5.08
CA VAL C 171 -17.24 27.09 -4.56
C VAL C 171 -16.44 25.91 -5.09
N HIS C 172 -15.22 26.18 -5.55
CA HIS C 172 -14.27 25.15 -5.93
C HIS C 172 -12.94 25.48 -5.27
N THR C 173 -12.52 24.64 -4.32
CA THR C 173 -11.22 24.79 -3.66
C THR C 173 -10.28 23.72 -4.21
N PHE C 174 -9.26 24.17 -4.92
CA PHE C 174 -8.36 23.25 -5.62
C PHE C 174 -7.40 22.58 -4.65
N PRO C 175 -6.97 21.36 -4.96
CA PRO C 175 -5.93 20.72 -4.16
C PRO C 175 -4.64 21.52 -4.21
N ALA C 176 -3.91 21.49 -3.09
CA ALA C 176 -2.64 22.20 -3.02
C ALA C 176 -1.64 21.62 -4.00
N VAL C 177 -0.69 22.46 -4.42
CA VAL C 177 0.43 22.04 -5.26
C VAL C 177 1.72 22.39 -4.52
N LEU C 178 2.67 21.45 -4.55
CA LEU C 178 3.96 21.66 -3.88
C LEU C 178 4.88 22.43 -4.81
N GLN C 179 5.35 23.58 -4.34
CA GLN C 179 6.23 24.44 -5.13
C GLN C 179 7.68 24.03 -4.93
N SER C 180 8.54 24.55 -5.82
CA SER C 180 9.97 24.27 -5.72
C SER C 180 10.55 24.75 -4.39
N SER C 181 9.92 25.76 -3.77
CA SER C 181 10.33 26.21 -2.45
C SER C 181 10.12 25.17 -1.38
N GLY C 182 9.29 24.16 -1.63
CA GLY C 182 8.87 23.25 -0.60
C GLY C 182 7.63 23.69 0.16
N LEU C 183 7.08 24.85 -0.18
CA LEU C 183 5.84 25.35 0.39
C LEU C 183 4.66 25.02 -0.53
N TYR C 184 3.46 25.09 0.02
CA TYR C 184 2.26 24.71 -0.71
C TYR C 184 1.50 25.95 -1.16
N SER C 185 0.60 25.73 -2.12
CA SER C 185 -0.19 26.81 -2.70
C SER C 185 -1.45 26.22 -3.31
N LEU C 186 -2.60 26.82 -2.98
CA LEU C 186 -3.86 26.46 -3.61
C LEU C 186 -4.65 27.72 -3.91
N SER C 187 -5.80 27.54 -4.56
CA SER C 187 -6.70 28.64 -4.88
C SER C 187 -8.13 28.18 -4.68
N SER C 188 -8.95 29.05 -4.08
CA SER C 188 -10.36 28.78 -3.88
C SER C 188 -11.16 29.82 -4.64
N VAL C 189 -11.98 29.38 -5.59
CA VAL C 189 -12.74 30.27 -6.45
C VAL C 189 -14.23 30.01 -6.25
N VAL C 190 -15.04 30.97 -6.69
CA VAL C 190 -16.49 30.87 -6.58
C VAL C 190 -17.10 31.75 -7.67
N THR C 191 -18.15 31.24 -8.29
CA THR C 191 -18.90 31.97 -9.32
C THR C 191 -20.13 32.60 -8.68
N VAL C 192 -20.29 33.90 -8.86
CA VAL C 192 -21.40 34.64 -8.27
C VAL C 192 -22.11 35.42 -9.39
N PRO C 193 -23.39 35.76 -9.19
CA PRO C 193 -24.06 36.64 -10.16
C PRO C 193 -23.40 38.00 -10.21
N SER C 194 -23.20 38.50 -11.43
CA SER C 194 -22.48 39.76 -11.63
C SER C 194 -23.20 40.93 -10.99
N SER C 195 -24.50 40.81 -10.74
CA SER C 195 -25.27 41.92 -10.18
C SER C 195 -24.94 42.13 -8.71
N SER C 196 -24.59 41.07 -7.99
CA SER C 196 -24.35 41.15 -6.55
C SER C 196 -22.97 41.69 -6.20
N LEU C 197 -22.15 42.03 -7.18
CA LEU C 197 -20.79 42.50 -6.89
C LEU C 197 -20.83 43.81 -6.11
N GLY C 198 -21.72 44.74 -6.47
CA GLY C 198 -21.83 45.97 -5.71
C GLY C 198 -22.71 45.84 -4.49
N THR C 199 -23.63 44.87 -4.49
CA THR C 199 -24.54 44.72 -3.36
C THR C 199 -23.91 43.92 -2.22
N GLN C 200 -23.17 42.87 -2.54
CA GLN C 200 -22.68 41.92 -1.56
C GLN C 200 -21.17 42.03 -1.39
N THR C 201 -20.73 41.96 -0.12
CA THR C 201 -19.31 41.93 0.20
C THR C 201 -18.88 40.47 0.33
N TYR C 202 -18.03 40.02 -0.60
CA TYR C 202 -17.55 38.64 -0.62
C TYR C 202 -16.16 38.58 0.00
N ILE C 203 -16.02 37.76 1.05
CA ILE C 203 -14.76 37.58 1.74
C ILE C 203 -14.48 36.09 1.86
N CYS C 204 -13.19 35.75 1.92
CA CYS C 204 -12.75 34.37 2.11
C CYS C 204 -12.03 34.23 3.44
N ASN C 205 -12.29 33.13 4.13
CA ASN C 205 -11.69 32.85 5.44
C ASN C 205 -10.73 31.69 5.30
N VAL C 206 -9.44 31.96 5.45
CA VAL C 206 -8.39 30.96 5.31
C VAL C 206 -7.81 30.68 6.69
N ASN C 207 -7.68 29.40 7.02
CA ASN C 207 -7.18 28.97 8.32
C ASN C 207 -6.06 27.96 8.12
N HIS C 208 -4.91 28.25 8.72
CA HIS C 208 -3.76 27.34 8.71
C HIS C 208 -3.41 27.05 10.17
N LYS C 209 -3.96 25.96 10.69
CA LYS C 209 -3.78 25.63 12.11
C LYS C 209 -2.34 25.36 12.51
N PRO C 210 -1.50 24.68 11.71
CA PRO C 210 -0.10 24.49 12.14
C PRO C 210 0.62 25.77 12.52
N SER C 211 0.53 26.81 11.70
CA SER C 211 1.13 28.09 12.02
C SER C 211 0.22 28.97 12.88
N ASN C 212 -0.97 28.49 13.24
CA ASN C 212 -1.94 29.24 14.02
C ASN C 212 -2.25 30.59 13.37
N THR C 213 -2.51 30.55 12.07
CA THR C 213 -2.82 31.73 11.29
C THR C 213 -4.26 31.67 10.80
N LYS C 214 -5.00 32.76 11.01
CA LYS C 214 -6.35 32.91 10.50
C LYS C 214 -6.44 34.24 9.77
N VAL C 215 -6.86 34.20 8.51
CA VAL C 215 -6.85 35.38 7.64
C VAL C 215 -8.22 35.52 7.00
N ASP C 216 -8.79 36.72 7.09
CA ASP C 216 -10.01 37.09 6.38
C ASP C 216 -9.64 38.14 5.34
N LYS C 217 -9.93 37.85 4.07
CA LYS C 217 -9.56 38.71 2.96
C LYS C 217 -10.81 39.08 2.17
N LYS C 218 -11.02 40.38 1.98
CA LYS C 218 -12.12 40.86 1.17
C LYS C 218 -11.73 40.86 -0.30
N VAL C 219 -12.55 40.22 -1.12
CA VAL C 219 -12.33 40.15 -2.56
C VAL C 219 -13.40 40.99 -3.24
N GLU C 220 -12.97 42.08 -3.86
CA GLU C 220 -13.85 43.10 -4.42
C GLU C 220 -13.45 43.39 -5.86
N PRO C 221 -14.37 43.83 -6.69
CA PRO C 221 -13.99 44.31 -8.03
C PRO C 221 -13.11 45.54 -7.91
N LYS C 222 -11.91 45.45 -8.49
CA LYS C 222 -10.94 46.53 -8.35
C LYS C 222 -9.92 46.43 -9.47
N SER C 223 -9.14 47.50 -9.62
CA SER C 223 -8.07 47.56 -10.60
C SER C 223 -6.79 48.09 -9.95
#